data_7BGW
#
_entry.id   7BGW
#
_cell.length_a   82.455
_cell.length_b   111.794
_cell.length_c   62.559
_cell.angle_alpha   90.000
_cell.angle_beta   90.000
_cell.angle_gamma   90.000
#
_symmetry.space_group_name_H-M   'C 2 2 21'
#
loop_
_entity.id
_entity.type
_entity.pdbx_description
1 polymer '14-3-3 protein sigma'
2 polymer 'Peptidyl-prolyl cis-trans isomerase NIMA-interacting 1'
3 non-polymer 4-(2-phenylimidazol-1-yl)naphthalene-1-carbaldehyde
4 non-polymer 'CALCIUM ION'
5 non-polymer 'CHLORIDE ION'
6 non-polymer 'SODIUM ION'
7 water water
#
loop_
_entity_poly.entity_id
_entity_poly.type
_entity_poly.pdbx_seq_one_letter_code
_entity_poly.pdbx_strand_id
1 'polypeptide(L)'
;GAMGSMERASLIQKAKLAEQAERYEDMAAFMKGAVEKGEELS(CSO)EERNLLSVAYKNVVGGQRAAWRVLSSIEQKSNE
EGSEEKGPEVREYREKVETELQGVCDTVLGLLDSHLIKEAGDAESRVFYLKMKGDYYRYLAEVATGDDKKRIIDSARSAY
QEAMDISKKEMPPTNPIRLGLALNFSVFHYEIANSPEEAISLAKTTFDEAMADLHTLSEDSYKDSTLIMQLLRDNLTLWT
ADNAGEEGGEAPQEPQS
;
A
2 'polypeptide(L)' LVKHSQSRRPS(SEP)WRQEK P
#
loop_
_chem_comp.id
_chem_comp.type
_chem_comp.name
_chem_comp.formula
CA non-polymer 'CALCIUM ION' 'Ca 2'
CL non-polymer 'CHLORIDE ION' 'Cl -1'
NA non-polymer 'SODIUM ION' 'Na 1'
TLQ non-polymer 4-(2-phenylimidazol-1-yl)naphthalene-1-carbaldehyde 'C20 H14 N2 O'
#
# COMPACT_ATOMS: atom_id res chain seq x y z
N ALA A 2 -10.64 -8.63 -19.59
CA ALA A 2 -11.42 -9.86 -19.51
C ALA A 2 -12.77 -9.63 -18.85
N MET A 3 -12.89 -8.50 -18.13
CA MET A 3 -14.10 -8.14 -17.42
C MET A 3 -14.94 -7.11 -18.16
N GLY A 4 -14.60 -6.85 -19.42
CA GLY A 4 -15.25 -5.78 -20.16
C GLY A 4 -16.73 -5.99 -20.42
N SER A 5 -17.19 -7.23 -20.43
CA SER A 5 -18.59 -7.50 -20.71
C SER A 5 -19.43 -7.58 -19.43
N MET A 6 -18.82 -7.48 -18.25
CA MET A 6 -19.60 -7.54 -17.02
C MET A 6 -19.94 -6.13 -16.53
N GLU A 7 -21.17 -5.97 -16.02
CA GLU A 7 -21.59 -4.69 -15.46
C GLU A 7 -20.69 -4.25 -14.31
N ARG A 8 -20.46 -2.93 -14.23
CA ARG A 8 -19.67 -2.39 -13.13
C ARG A 8 -20.21 -2.85 -11.78
N ALA A 9 -21.52 -2.76 -11.57
CA ALA A 9 -22.07 -3.11 -10.26
C ALA A 9 -21.91 -4.59 -9.98
N SER A 10 -21.99 -5.44 -11.01
CA SER A 10 -21.77 -6.87 -10.81
C SER A 10 -20.32 -7.17 -10.44
N LEU A 11 -19.36 -6.50 -11.08
CA LEU A 11 -17.95 -6.65 -10.69
C LEU A 11 -17.74 -6.27 -9.23
N ILE A 12 -18.38 -5.18 -8.78
CA ILE A 12 -18.23 -4.77 -7.39
C ILE A 12 -18.86 -5.80 -6.46
N GLN A 13 -20.06 -6.26 -6.80
CA GLN A 13 -20.69 -7.31 -6.00
C GLN A 13 -19.83 -8.57 -5.95
N LYS A 14 -19.24 -8.96 -7.08
CA LYS A 14 -18.41 -10.16 -7.08
C LYS A 14 -17.09 -9.95 -6.36
N ALA A 15 -16.55 -8.73 -6.38
CA ALA A 15 -15.36 -8.45 -5.57
C ALA A 15 -15.64 -8.68 -4.08
N LYS A 16 -16.79 -8.23 -3.59
CA LYS A 16 -17.16 -8.46 -2.20
C LYS A 16 -17.36 -9.95 -1.91
N LEU A 17 -17.91 -10.69 -2.85
CA LEU A 17 -18.06 -12.13 -2.65
C LEU A 17 -16.69 -12.81 -2.61
N ALA A 18 -15.76 -12.39 -3.48
CA ALA A 18 -14.43 -12.97 -3.49
C ALA A 18 -13.69 -12.68 -2.19
N GLU A 19 -13.84 -11.47 -1.64
CA GLU A 19 -13.25 -11.20 -0.33
C GLU A 19 -13.78 -12.17 0.72
N GLN A 20 -15.09 -12.40 0.75
CA GLN A 20 -15.65 -13.33 1.74
C GLN A 20 -15.13 -14.74 1.53
N ALA A 21 -14.87 -15.12 0.29
CA ALA A 21 -14.33 -16.42 -0.04
C ALA A 21 -12.81 -16.45 0.07
N GLU A 22 -12.18 -15.35 0.48
CA GLU A 22 -10.71 -15.22 0.52
C GLU A 22 -10.08 -15.60 -0.82
N ARG A 23 -10.71 -15.15 -1.90
CA ARG A 23 -10.21 -15.36 -3.26
C ARG A 23 -9.68 -14.03 -3.77
N TYR A 24 -8.47 -13.68 -3.32
CA TYR A 24 -8.00 -12.33 -3.54
C TYR A 24 -7.54 -12.08 -4.96
N GLU A 25 -7.06 -13.11 -5.67
N GLU A 25 -7.06 -13.11 -5.67
CA GLU A 25 -6.73 -12.94 -7.08
CA GLU A 25 -6.74 -12.93 -7.07
C GLU A 25 -7.99 -12.60 -7.89
C GLU A 25 -7.99 -12.60 -7.89
N ASP A 26 -9.07 -13.34 -7.63
CA ASP A 26 -10.35 -13.01 -8.26
C ASP A 26 -10.80 -11.60 -7.89
N MET A 27 -10.72 -11.28 -6.60
CA MET A 27 -11.13 -9.97 -6.10
C MET A 27 -10.39 -8.86 -6.83
N ALA A 28 -9.09 -9.04 -7.06
CA ALA A 28 -8.31 -8.00 -7.73
C ALA A 28 -8.70 -7.88 -9.20
N ALA A 29 -8.95 -9.02 -9.85
CA ALA A 29 -9.37 -8.98 -11.25
C ALA A 29 -10.72 -8.30 -11.40
N PHE A 30 -11.65 -8.56 -10.47
CA PHE A 30 -12.94 -7.88 -10.50
C PHE A 30 -12.78 -6.38 -10.31
N MET A 31 -11.99 -5.97 -9.32
CA MET A 31 -11.79 -4.54 -9.08
C MET A 31 -11.01 -3.88 -10.22
N LYS A 32 -10.06 -4.59 -10.84
CA LYS A 32 -9.40 -4.05 -12.03
C LYS A 32 -10.43 -3.78 -13.12
N GLY A 33 -11.35 -4.74 -13.32
CA GLY A 33 -12.40 -4.53 -14.30
C GLY A 33 -13.29 -3.35 -13.96
N ALA A 34 -13.59 -3.17 -12.66
CA ALA A 34 -14.40 -2.04 -12.23
C ALA A 34 -13.71 -0.72 -12.52
N VAL A 35 -12.42 -0.64 -12.22
CA VAL A 35 -11.65 0.57 -12.51
C VAL A 35 -11.69 0.88 -14.00
N GLU A 36 -11.49 -0.15 -14.84
CA GLU A 36 -11.43 0.04 -16.29
C GLU A 36 -12.76 0.45 -16.89
N LYS A 37 -13.84 0.44 -16.10
CA LYS A 37 -15.08 1.08 -16.58
C LYS A 37 -14.92 2.58 -16.75
N GLY A 38 -13.90 3.18 -16.16
CA GLY A 38 -13.61 4.58 -16.37
C GLY A 38 -14.27 5.54 -15.41
N GLU A 39 -15.13 5.06 -14.51
CA GLU A 39 -15.74 5.96 -13.54
C GLU A 39 -14.86 6.01 -12.29
N GLU A 40 -14.95 7.14 -11.58
CA GLU A 40 -14.25 7.27 -10.31
C GLU A 40 -14.77 6.23 -9.32
N LEU A 41 -13.96 5.95 -8.30
CA LEU A 41 -14.31 4.95 -7.31
C LEU A 41 -14.82 5.63 -6.05
N SER A 42 -15.81 5.03 -5.42
CA SER A 42 -16.28 5.49 -4.13
C SER A 42 -15.28 5.13 -3.03
N CSO A 43 -15.52 5.61 -1.81
CA CSO A 43 -14.66 5.29 -0.68
CB CSO A 43 -15.17 6.02 0.57
SG CSO A 43 -14.32 5.54 2.09
C CSO A 43 -14.61 3.77 -0.47
O CSO A 43 -13.53 3.17 -0.32
OD CSO A 43 -15.09 4.08 2.77
N GLU A 44 -15.77 3.14 -0.47
CA GLU A 44 -15.83 1.69 -0.28
C GLU A 44 -15.14 0.95 -1.42
N GLU A 45 -15.33 1.42 -2.65
CA GLU A 45 -14.72 0.77 -3.81
C GLU A 45 -13.21 0.90 -3.80
N ARG A 46 -12.69 2.07 -3.38
CA ARG A 46 -11.24 2.22 -3.24
C ARG A 46 -10.70 1.24 -2.21
N ASN A 47 -11.41 1.08 -1.09
CA ASN A 47 -10.96 0.11 -0.09
C ASN A 47 -10.96 -1.30 -0.66
N LEU A 48 -11.96 -1.65 -1.47
CA LEU A 48 -11.97 -2.98 -2.09
C LEU A 48 -10.75 -3.18 -3.00
N LEU A 49 -10.44 -2.17 -3.81
CA LEU A 49 -9.28 -2.24 -4.68
C LEU A 49 -8.00 -2.46 -3.87
N SER A 50 -7.83 -1.68 -2.80
CA SER A 50 -6.62 -1.75 -2.00
C SER A 50 -6.47 -3.11 -1.33
N VAL A 51 -7.55 -3.61 -0.71
CA VAL A 51 -7.50 -4.88 0.02
C VAL A 51 -7.15 -6.01 -0.94
N ALA A 52 -7.70 -5.98 -2.15
CA ALA A 52 -7.49 -7.09 -3.06
C ALA A 52 -6.03 -7.18 -3.47
N TYR A 53 -5.48 -6.09 -4.00
CA TYR A 53 -4.10 -6.13 -4.46
C TYR A 53 -3.11 -6.23 -3.31
N LYS A 54 -3.46 -5.70 -2.14
CA LYS A 54 -2.60 -5.84 -0.97
C LYS A 54 -2.43 -7.30 -0.59
N ASN A 55 -3.53 -8.06 -0.62
CA ASN A 55 -3.45 -9.47 -0.29
C ASN A 55 -2.73 -10.27 -1.38
N VAL A 56 -2.96 -9.94 -2.65
CA VAL A 56 -2.28 -10.66 -3.72
C VAL A 56 -0.77 -10.43 -3.63
N VAL A 57 -0.37 -9.16 -3.61
CA VAL A 57 1.05 -8.87 -3.56
C VAL A 57 1.64 -9.31 -2.23
N GLY A 58 0.83 -9.30 -1.16
CA GLY A 58 1.34 -9.73 0.14
C GLY A 58 1.81 -11.17 0.12
N GLY A 59 1.01 -12.05 -0.48
CA GLY A 59 1.45 -13.44 -0.65
C GLY A 59 2.68 -13.56 -1.53
N GLN A 60 2.77 -12.74 -2.58
CA GLN A 60 3.95 -12.79 -3.43
C GLN A 60 5.19 -12.34 -2.68
N ARG A 61 5.07 -11.26 -1.88
CA ARG A 61 6.19 -10.77 -1.10
C ARG A 61 6.66 -11.82 -0.09
N ALA A 62 5.72 -12.46 0.60
CA ALA A 62 6.09 -13.48 1.56
C ALA A 62 6.81 -14.63 0.88
N ALA A 63 6.34 -15.03 -0.29
CA ALA A 63 6.99 -16.11 -1.02
C ALA A 63 8.38 -15.70 -1.50
N TRP A 64 8.50 -14.47 -2.03
CA TRP A 64 9.79 -13.96 -2.49
C TRP A 64 10.81 -13.94 -1.35
N ARG A 65 10.39 -13.55 -0.15
CA ARG A 65 11.32 -13.49 0.97
C ARG A 65 11.78 -14.88 1.39
N VAL A 66 10.88 -15.87 1.34
CA VAL A 66 11.28 -17.23 1.65
C VAL A 66 12.34 -17.72 0.66
N LEU A 67 12.10 -17.48 -0.64
CA LEU A 67 13.02 -17.94 -1.68
C LEU A 67 14.32 -17.16 -1.69
N SER A 68 14.25 -15.85 -1.43
CA SER A 68 15.46 -15.04 -1.38
C SER A 68 16.36 -15.48 -0.24
N SER A 69 15.76 -15.87 0.89
CA SER A 69 16.54 -16.36 2.02
C SER A 69 17.17 -17.71 1.71
N ILE A 70 16.45 -18.60 1.04
CA ILE A 70 17.06 -19.86 0.62
C ILE A 70 18.20 -19.60 -0.35
N GLU A 71 17.98 -18.71 -1.32
CA GLU A 71 18.99 -18.38 -2.31
C GLU A 71 20.26 -17.84 -1.65
N GLN A 72 20.12 -17.02 -0.61
CA GLN A 72 21.29 -16.45 0.04
C GLN A 72 22.05 -17.52 0.82
N LYS A 73 21.33 -18.44 1.47
CA LYS A 73 22.00 -19.54 2.15
C LYS A 73 22.81 -20.38 1.17
N SER A 74 22.32 -20.52 -0.06
CA SER A 74 23.02 -21.32 -1.05
C SER A 74 24.26 -20.60 -1.59
N ASN A 75 24.24 -19.26 -1.65
CA ASN A 75 25.35 -18.50 -2.22
C ASN A 75 26.49 -18.25 -1.22
N GLY A 83 22.77 -25.76 -8.16
CA GLY A 83 22.04 -25.62 -9.40
C GLY A 83 21.34 -24.27 -9.53
N PRO A 84 20.80 -23.98 -10.71
CA PRO A 84 20.15 -22.68 -10.92
C PRO A 84 18.71 -22.61 -10.44
N GLU A 85 18.17 -23.69 -9.87
CA GLU A 85 16.72 -23.77 -9.66
C GLU A 85 16.22 -22.73 -8.66
N VAL A 86 16.96 -22.52 -7.58
CA VAL A 86 16.51 -21.58 -6.56
C VAL A 86 16.44 -20.16 -7.13
N ARG A 87 17.50 -19.77 -7.85
CA ARG A 87 17.51 -18.45 -8.49
C ARG A 87 16.41 -18.35 -9.53
N GLU A 88 16.23 -19.41 -10.34
CA GLU A 88 15.20 -19.39 -11.37
C GLU A 88 13.81 -19.19 -10.77
N TYR A 89 13.50 -19.93 -9.71
CA TYR A 89 12.16 -19.86 -9.13
C TYR A 89 11.95 -18.55 -8.37
N ARG A 90 12.98 -18.06 -7.69
CA ARG A 90 12.90 -16.71 -7.10
C ARG A 90 12.63 -15.67 -8.18
N GLU A 91 13.30 -15.78 -9.32
CA GLU A 91 13.10 -14.84 -10.43
C GLU A 91 11.67 -14.93 -10.96
N LYS A 92 11.13 -16.15 -11.08
CA LYS A 92 9.77 -16.31 -11.56
C LYS A 92 8.78 -15.60 -10.63
N VAL A 93 8.87 -15.89 -9.33
CA VAL A 93 8.00 -15.24 -8.35
C VAL A 93 8.19 -13.73 -8.40
N GLU A 94 9.45 -13.29 -8.47
CA GLU A 94 9.76 -11.86 -8.54
C GLU A 94 9.13 -11.20 -9.76
N THR A 95 9.22 -11.85 -10.92
CA THR A 95 8.62 -11.31 -12.13
C THR A 95 7.10 -11.20 -12.00
N GLU A 96 6.46 -12.20 -11.38
CA GLU A 96 5.01 -12.12 -11.19
C GLU A 96 4.64 -10.99 -10.25
N LEU A 97 5.40 -10.82 -9.17
CA LEU A 97 5.19 -9.72 -8.25
C LEU A 97 5.31 -8.38 -8.97
N GLN A 98 6.39 -8.21 -9.75
CA GLN A 98 6.56 -6.98 -10.50
C GLN A 98 5.42 -6.74 -11.48
N GLY A 99 4.87 -7.81 -12.05
CA GLY A 99 3.73 -7.63 -12.94
C GLY A 99 2.50 -7.12 -12.22
N VAL A 100 2.23 -7.64 -11.03
CA VAL A 100 1.10 -7.15 -10.25
C VAL A 100 1.31 -5.68 -9.87
N CYS A 101 2.52 -5.33 -9.42
CA CYS A 101 2.79 -3.92 -9.08
C CYS A 101 2.59 -3.01 -10.28
N ASP A 102 3.15 -3.41 -11.43
CA ASP A 102 2.97 -2.62 -12.66
C ASP A 102 1.49 -2.47 -13.01
N THR A 103 0.70 -3.53 -12.79
CA THR A 103 -0.73 -3.44 -13.08
C THR A 103 -1.41 -2.42 -12.17
N VAL A 104 -1.10 -2.42 -10.88
CA VAL A 104 -1.69 -1.45 -9.96
C VAL A 104 -1.26 -0.04 -10.35
N LEU A 105 0.04 0.15 -10.58
CA LEU A 105 0.53 1.49 -10.93
C LEU A 105 -0.10 1.96 -12.23
N GLY A 106 -0.36 1.05 -13.16
CA GLY A 106 -1.03 1.41 -14.39
C GLY A 106 -2.46 1.86 -14.16
N LEU A 107 -3.15 1.24 -13.22
CA LEU A 107 -4.51 1.68 -12.92
C LEU A 107 -4.50 3.05 -12.28
N LEU A 108 -3.55 3.30 -11.38
CA LEU A 108 -3.44 4.61 -10.75
C LEU A 108 -3.10 5.67 -11.77
N ASP A 109 -2.28 5.32 -12.76
CA ASP A 109 -1.85 6.28 -13.77
C ASP A 109 -2.87 6.45 -14.90
N SER A 110 -3.81 5.49 -15.05
CA SER A 110 -4.76 5.47 -16.17
C SER A 110 -6.13 5.00 -15.68
N HIS A 111 -6.88 5.87 -14.99
CA HIS A 111 -6.56 7.27 -14.79
C HIS A 111 -7.05 7.72 -13.42
N LEU A 112 -6.86 6.86 -12.41
CA LEU A 112 -7.41 7.11 -11.08
C LEU A 112 -6.88 8.42 -10.49
N ILE A 113 -5.57 8.64 -10.54
CA ILE A 113 -4.99 9.78 -9.83
C ILE A 113 -5.40 11.09 -10.50
N LYS A 114 -5.34 11.15 -11.83
CA LYS A 114 -5.61 12.42 -12.47
C LYS A 114 -7.05 12.87 -12.31
N GLU A 115 -7.98 11.95 -12.09
CA GLU A 115 -9.37 12.35 -11.87
C GLU A 115 -9.70 12.51 -10.38
N ALA A 116 -8.77 12.24 -9.47
CA ALA A 116 -9.05 12.33 -8.03
C ALA A 116 -8.83 13.76 -7.57
N GLY A 117 -9.92 14.45 -7.25
CA GLY A 117 -9.84 15.86 -6.88
C GLY A 117 -9.97 16.09 -5.39
N ASP A 118 -10.74 15.24 -4.72
CA ASP A 118 -10.92 15.34 -3.29
C ASP A 118 -9.69 14.81 -2.57
N ALA A 119 -9.44 15.36 -1.37
CA ALA A 119 -8.28 14.97 -0.59
C ALA A 119 -8.31 13.49 -0.23
N GLU A 120 -9.46 12.97 0.20
CA GLU A 120 -9.52 11.56 0.60
C GLU A 120 -9.12 10.65 -0.54
N SER A 121 -9.66 10.87 -1.74
CA SER A 121 -9.32 9.99 -2.87
C SER A 121 -7.88 10.22 -3.34
N ARG A 122 -7.46 11.49 -3.48
CA ARG A 122 -6.13 11.74 -4.01
C ARG A 122 -5.04 11.21 -3.07
N VAL A 123 -5.20 11.41 -1.76
CA VAL A 123 -4.22 10.88 -0.81
C VAL A 123 -4.24 9.36 -0.81
N PHE A 124 -5.45 8.78 -0.90
CA PHE A 124 -5.55 7.32 -0.94
C PHE A 124 -4.76 6.73 -2.11
N TYR A 125 -4.88 7.33 -3.30
CA TYR A 125 -4.22 6.77 -4.48
C TYR A 125 -2.73 7.06 -4.46
N LEU A 126 -2.31 8.21 -3.93
CA LEU A 126 -0.88 8.50 -3.86
C LEU A 126 -0.20 7.59 -2.85
N LYS A 127 -0.88 7.29 -1.75
CA LYS A 127 -0.38 6.29 -0.81
C LYS A 127 -0.18 4.94 -1.51
N MET A 128 -1.20 4.49 -2.27
CA MET A 128 -1.07 3.25 -3.03
C MET A 128 0.11 3.32 -3.98
N LYS A 129 0.27 4.44 -4.68
CA LYS A 129 1.39 4.57 -5.61
C LYS A 129 2.72 4.43 -4.88
N GLY A 130 2.85 5.07 -3.72
CA GLY A 130 4.06 4.89 -2.93
C GLY A 130 4.26 3.44 -2.49
N ASP A 131 3.19 2.79 -2.06
CA ASP A 131 3.29 1.41 -1.58
C ASP A 131 3.78 0.48 -2.69
N TYR A 132 3.22 0.61 -3.89
CA TYR A 132 3.57 -0.35 -4.93
C TYR A 132 4.93 -0.06 -5.55
N TYR A 133 5.38 1.20 -5.54
CA TYR A 133 6.78 1.44 -5.85
C TYR A 133 7.68 0.92 -4.72
N ARG A 134 7.22 1.00 -3.47
CA ARG A 134 8.00 0.41 -2.38
C ARG A 134 8.15 -1.09 -2.57
N TYR A 135 7.09 -1.77 -3.00
CA TYR A 135 7.21 -3.22 -3.22
C TYR A 135 8.16 -3.54 -4.36
N LEU A 136 8.09 -2.77 -5.45
CA LEU A 136 9.09 -2.89 -6.50
C LEU A 136 10.50 -2.66 -5.95
N ALA A 137 10.66 -1.67 -5.07
CA ALA A 137 11.98 -1.38 -4.53
C ALA A 137 12.51 -2.52 -3.68
N GLU A 138 11.63 -3.23 -2.96
CA GLU A 138 12.07 -4.34 -2.12
C GLU A 138 12.85 -5.38 -2.90
N VAL A 139 12.54 -5.58 -4.18
CA VAL A 139 13.20 -6.58 -5.02
C VAL A 139 14.13 -5.97 -6.05
N ALA A 140 14.30 -4.66 -6.08
CA ALA A 140 15.14 -4.01 -7.08
C ALA A 140 16.62 -4.19 -6.77
N THR A 141 17.40 -4.43 -7.83
CA THR A 141 18.86 -4.60 -7.72
C THR A 141 19.65 -4.00 -8.86
N GLY A 142 19.03 -3.65 -9.98
CA GLY A 142 19.73 -3.11 -11.12
C GLY A 142 19.79 -1.60 -11.10
N ASP A 143 20.09 -1.04 -12.28
CA ASP A 143 20.26 0.40 -12.46
C ASP A 143 18.96 1.21 -12.31
N ASP A 144 17.85 0.58 -11.97
CA ASP A 144 16.58 1.26 -11.79
C ASP A 144 16.16 1.35 -10.33
N LYS A 145 16.95 0.84 -9.39
CA LYS A 145 16.53 0.82 -8.00
C LYS A 145 16.45 2.24 -7.43
N LYS A 146 17.42 3.10 -7.77
CA LYS A 146 17.38 4.45 -7.23
C LYS A 146 16.18 5.21 -7.75
N ARG A 147 15.85 5.06 -9.03
CA ARG A 147 14.70 5.78 -9.57
C ARG A 147 13.40 5.22 -9.02
N ILE A 148 13.32 3.91 -8.80
CA ILE A 148 12.14 3.31 -8.17
C ILE A 148 11.95 3.89 -6.76
N ILE A 149 13.03 3.93 -5.98
CA ILE A 149 12.96 4.47 -4.62
C ILE A 149 12.48 5.92 -4.66
N ASP A 150 13.02 6.73 -5.57
CA ASP A 150 12.60 8.11 -5.65
C ASP A 150 11.16 8.22 -6.11
N SER A 151 10.70 7.28 -6.94
CA SER A 151 9.29 7.29 -7.34
C SER A 151 8.39 7.00 -6.15
N ALA A 152 8.78 6.07 -5.29
CA ALA A 152 8.02 5.84 -4.07
C ALA A 152 8.04 7.07 -3.18
N ARG A 153 9.24 7.62 -2.93
N ARG A 153 9.23 7.61 -2.93
CA ARG A 153 9.37 8.78 -2.06
CA ARG A 153 9.34 8.78 -2.05
C ARG A 153 8.53 9.95 -2.56
C ARG A 153 8.50 9.93 -2.56
N SER A 154 8.58 10.21 -3.87
CA SER A 154 7.83 11.33 -4.44
C SER A 154 6.33 11.17 -4.25
N ALA A 155 5.80 9.96 -4.46
CA ALA A 155 4.36 9.74 -4.29
C ALA A 155 3.96 9.89 -2.83
N TYR A 156 4.72 9.29 -1.92
CA TYR A 156 4.46 9.45 -0.50
C TYR A 156 4.50 10.92 -0.09
N GLN A 157 5.51 11.65 -0.58
CA GLN A 157 5.67 13.06 -0.19
C GLN A 157 4.49 13.89 -0.63
N GLU A 158 4.01 13.70 -1.88
CA GLU A 158 2.85 14.45 -2.33
C GLU A 158 1.62 14.11 -1.50
N ALA A 159 1.45 12.84 -1.16
CA ALA A 159 0.32 12.45 -0.30
C ALA A 159 0.45 13.07 1.09
N MET A 160 1.67 13.09 1.65
CA MET A 160 1.87 13.70 2.96
C MET A 160 1.52 15.19 2.93
N ASP A 161 2.01 15.90 1.90
CA ASP A 161 1.71 17.34 1.79
C ASP A 161 0.21 17.59 1.76
N ILE A 162 -0.53 16.82 0.97
CA ILE A 162 -1.97 17.01 0.88
C ILE A 162 -2.64 16.69 2.21
N SER A 163 -2.26 15.55 2.83
CA SER A 163 -2.93 15.11 4.05
C SER A 163 -2.70 16.11 5.18
N LYS A 164 -1.50 16.65 5.28
CA LYS A 164 -1.24 17.62 6.34
C LYS A 164 -2.03 18.90 6.14
N LYS A 165 -2.26 19.29 4.89
CA LYS A 165 -3.02 20.50 4.64
C LYS A 165 -4.53 20.27 4.77
N GLU A 166 -5.03 19.09 4.39
CA GLU A 166 -6.46 18.91 4.21
C GLU A 166 -7.13 17.99 5.23
N MET A 167 -6.36 17.27 6.05
CA MET A 167 -6.98 16.27 6.91
C MET A 167 -6.59 16.46 8.35
N PRO A 168 -7.44 16.07 9.29
CA PRO A 168 -7.07 16.09 10.71
C PRO A 168 -6.03 15.03 11.01
N PRO A 169 -5.22 15.23 12.05
CA PRO A 169 -4.14 14.28 12.35
C PRO A 169 -4.59 12.88 12.70
N THR A 170 -5.87 12.67 13.02
CA THR A 170 -6.41 11.36 13.35
C THR A 170 -7.04 10.65 12.16
N ASN A 171 -7.15 11.30 11.02
CA ASN A 171 -7.75 10.68 9.84
C ASN A 171 -7.06 9.34 9.53
N PRO A 172 -7.82 8.24 9.41
CA PRO A 172 -7.18 6.93 9.20
C PRO A 172 -6.29 6.85 7.99
N ILE A 173 -6.67 7.50 6.87
CA ILE A 173 -5.80 7.40 5.70
C ILE A 173 -4.53 8.20 5.92
N ARG A 174 -4.62 9.34 6.64
CA ARG A 174 -3.42 10.11 6.95
C ARG A 174 -2.48 9.31 7.86
N LEU A 175 -3.06 8.60 8.83
CA LEU A 175 -2.25 7.79 9.75
C LEU A 175 -1.63 6.61 9.05
N GLY A 176 -2.39 5.92 8.20
CA GLY A 176 -1.85 4.79 7.48
C GLY A 176 -0.78 5.20 6.47
N LEU A 177 -0.96 6.35 5.85
CA LEU A 177 0.07 6.89 4.96
C LEU A 177 1.35 7.18 5.73
N ALA A 178 1.24 7.86 6.87
CA ALA A 178 2.44 8.18 7.65
C ALA A 178 3.11 6.91 8.14
N LEU A 179 2.32 5.94 8.59
CA LEU A 179 2.86 4.63 8.97
C LEU A 179 3.70 4.04 7.84
N ASN A 180 3.16 4.03 6.62
CA ASN A 180 3.84 3.34 5.52
C ASN A 180 5.03 4.14 5.01
N PHE A 181 4.94 5.47 5.03
CA PHE A 181 6.08 6.28 4.66
C PHE A 181 7.22 6.08 5.66
N SER A 182 6.86 5.87 6.93
CA SER A 182 7.90 5.66 7.93
C SER A 182 8.56 4.29 7.75
N VAL A 183 7.78 3.27 7.34
CA VAL A 183 8.39 1.98 6.99
C VAL A 183 9.28 2.12 5.76
N PHE A 184 8.85 2.92 4.77
CA PHE A 184 9.70 3.22 3.63
C PHE A 184 11.04 3.81 4.09
N HIS A 185 10.98 4.79 4.98
CA HIS A 185 12.21 5.40 5.48
C HIS A 185 13.09 4.36 6.15
N TYR A 186 12.50 3.48 6.95
CA TYR A 186 13.29 2.56 7.76
C TYR A 186 13.87 1.44 6.89
N GLU A 187 13.03 0.85 6.05
CA GLU A 187 13.33 -0.39 5.35
C GLU A 187 13.94 -0.17 3.96
N ILE A 188 13.55 0.90 3.28
CA ILE A 188 13.95 1.13 1.89
C ILE A 188 15.03 2.20 1.79
N ALA A 189 14.81 3.35 2.45
CA ALA A 189 15.68 4.51 2.26
C ALA A 189 16.86 4.51 3.22
N ASN A 190 16.98 3.53 4.11
CA ASN A 190 18.08 3.49 5.07
C ASN A 190 18.14 4.79 5.88
N SER A 191 16.97 5.27 6.29
CA SER A 191 16.84 6.49 7.09
C SER A 191 16.05 6.17 8.36
N PRO A 192 16.61 5.36 9.27
CA PRO A 192 15.82 4.96 10.44
C PRO A 192 15.49 6.14 11.37
N GLU A 193 16.35 7.14 11.43
CA GLU A 193 16.01 8.30 12.26
C GLU A 193 14.81 9.05 11.69
N GLU A 194 14.75 9.22 10.37
CA GLU A 194 13.58 9.83 9.76
C GLU A 194 12.34 8.99 10.03
N ALA A 195 12.46 7.66 9.93
CA ALA A 195 11.34 6.77 10.21
C ALA A 195 10.83 6.95 11.63
N ILE A 196 11.74 6.96 12.60
CA ILE A 196 11.37 7.12 14.00
C ILE A 196 10.73 8.48 14.26
N SER A 197 11.34 9.55 13.75
CA SER A 197 10.78 10.90 13.94
C SER A 197 9.39 11.02 13.33
N LEU A 198 9.21 10.49 12.12
CA LEU A 198 7.89 10.56 11.51
C LEU A 198 6.87 9.80 12.35
N ALA A 199 7.21 8.59 12.80
CA ALA A 199 6.26 7.77 13.55
C ALA A 199 5.89 8.45 14.87
N LYS A 200 6.86 9.08 15.53
CA LYS A 200 6.59 9.72 16.81
C LYS A 200 5.74 10.98 16.65
N THR A 201 6.12 11.88 15.72
CA THR A 201 5.31 13.08 15.54
C THR A 201 3.90 12.76 15.05
N THR A 202 3.76 11.73 14.20
CA THR A 202 2.42 11.33 13.77
C THR A 202 1.59 10.83 14.95
N PHE A 203 2.17 9.95 15.78
CA PHE A 203 1.47 9.45 16.95
C PHE A 203 1.08 10.59 17.89
N ASP A 204 2.03 11.46 18.22
CA ASP A 204 1.78 12.51 19.20
C ASP A 204 0.70 13.49 18.70
N GLU A 205 0.76 13.87 17.43
CA GLU A 205 -0.25 14.81 16.93
C GLU A 205 -1.62 14.16 16.81
N ALA A 206 -1.69 12.85 16.54
CA ALA A 206 -2.98 12.18 16.58
C ALA A 206 -3.49 12.07 18.01
N MET A 207 -2.62 11.75 18.97
CA MET A 207 -3.05 11.67 20.35
C MET A 207 -3.73 12.97 20.78
N ALA A 208 -3.19 14.12 20.37
CA ALA A 208 -3.76 15.41 20.77
C ALA A 208 -5.06 15.76 20.06
N ASP A 209 -5.45 15.01 19.03
CA ASP A 209 -6.70 15.26 18.30
C ASP A 209 -7.78 14.22 18.61
N LEU A 210 -7.49 13.26 19.49
CA LEU A 210 -8.47 12.20 19.76
C LEU A 210 -9.70 12.75 20.45
N HIS A 211 -9.57 13.82 21.22
CA HIS A 211 -10.70 14.32 21.99
C HIS A 211 -11.84 14.80 21.09
N THR A 212 -11.57 15.04 19.80
CA THR A 212 -12.59 15.53 18.89
C THR A 212 -13.42 14.41 18.29
N LEU A 213 -13.09 13.15 18.53
CA LEU A 213 -13.67 12.04 17.79
C LEU A 213 -14.84 11.40 18.53
N SER A 214 -15.74 10.82 17.75
CA SER A 214 -16.73 9.88 18.24
C SER A 214 -16.06 8.60 18.74
N GLU A 215 -16.84 7.79 19.46
CA GLU A 215 -16.34 6.50 19.92
C GLU A 215 -15.88 5.63 18.77
N ASP A 216 -16.60 5.66 17.63
CA ASP A 216 -16.25 4.81 16.50
C ASP A 216 -15.01 5.32 15.77
N SER A 217 -14.90 6.63 15.56
CA SER A 217 -13.70 7.18 14.96
C SER A 217 -12.50 7.00 15.90
N TYR A 218 -12.71 7.16 17.20
CA TYR A 218 -11.66 6.94 18.19
C TYR A 218 -11.04 5.55 18.03
N LYS A 219 -11.89 4.52 17.94
CA LYS A 219 -11.38 3.16 17.76
C LYS A 219 -10.62 3.02 16.44
N ASP A 220 -11.12 3.62 15.36
CA ASP A 220 -10.43 3.57 14.07
C ASP A 220 -9.02 4.15 14.17
N SER A 221 -8.89 5.32 14.80
CA SER A 221 -7.61 6.01 14.83
C SER A 221 -6.63 5.33 15.78
N THR A 222 -7.09 4.96 16.97
CA THR A 222 -6.19 4.34 17.93
C THR A 222 -5.69 2.99 17.45
N LEU A 223 -6.47 2.29 16.64
CA LEU A 223 -5.97 1.03 16.07
C LEU A 223 -4.71 1.26 15.23
N ILE A 224 -4.73 2.29 14.39
CA ILE A 224 -3.55 2.55 13.57
C ILE A 224 -2.45 3.21 14.38
N MET A 225 -2.80 4.02 15.37
CA MET A 225 -1.78 4.54 16.28
C MET A 225 -0.99 3.41 16.94
N GLN A 226 -1.65 2.30 17.28
CA GLN A 226 -0.94 1.19 17.91
C GLN A 226 0.10 0.58 16.96
N LEU A 227 -0.18 0.57 15.65
CA LEU A 227 0.83 0.12 14.71
C LEU A 227 2.03 1.05 14.70
N LEU A 228 1.81 2.36 14.78
CA LEU A 228 2.92 3.29 14.94
C LEU A 228 3.69 3.01 16.23
N ARG A 229 2.97 2.71 17.31
CA ARG A 229 3.64 2.40 18.57
C ARG A 229 4.43 1.10 18.48
N ASP A 230 3.85 0.08 17.85
CA ASP A 230 4.55 -1.20 17.68
C ASP A 230 5.88 -0.99 16.97
N ASN A 231 5.90 -0.17 15.92
CA ASN A 231 7.13 0.05 15.19
C ASN A 231 8.14 0.82 16.04
N LEU A 232 7.68 1.85 16.77
CA LEU A 232 8.60 2.60 17.62
C LEU A 232 9.23 1.70 18.66
N THR A 233 8.47 0.76 19.20
CA THR A 233 8.99 -0.18 20.18
C THR A 233 10.02 -1.10 19.55
N LEU A 234 9.75 -1.57 18.33
CA LEU A 234 10.73 -2.39 17.60
C LEU A 234 11.99 -1.59 17.26
N TRP A 235 11.84 -0.30 16.95
CA TRP A 235 12.95 0.49 16.43
C TRP A 235 13.78 1.18 17.49
N THR A 236 13.30 1.26 18.73
CA THR A 236 14.02 1.99 19.77
C THR A 236 14.28 1.10 20.98
N ARG B 9 9.82 -7.05 8.80
CA ARG B 9 9.81 -7.03 10.27
C ARG B 9 8.89 -5.95 10.87
N PRO B 10 8.94 -4.70 10.40
CA PRO B 10 8.04 -3.68 10.94
C PRO B 10 6.65 -3.78 10.32
N SER B 11 5.69 -3.14 10.97
CA SER B 11 4.31 -3.19 10.53
C SER B 11 3.99 -2.05 9.57
N SEP B 12 3.57 -2.37 8.36
CA SEP B 12 2.96 -1.36 7.51
CB SEP B 12 3.27 -1.60 6.03
OG SEP B 12 2.77 -2.86 5.66
C SEP B 12 1.48 -1.45 7.77
O SEP B 12 1.05 -2.29 8.57
P SEP B 12 3.23 -3.37 4.21
O1P SEP B 12 4.83 -3.45 4.09
O2P SEP B 12 2.56 -4.82 4.08
O3P SEP B 12 2.63 -2.36 3.10
N TRP B 13 0.67 -0.61 7.13
CA TRP B 13 -0.74 -0.61 7.48
C TRP B 13 -1.34 -1.98 7.14
N ARG B 14 -2.27 -2.42 7.97
CA ARG B 14 -2.95 -3.70 7.76
C ARG B 14 -4.35 -3.62 8.37
N GLN B 15 -5.23 -4.49 7.90
CA GLN B 15 -6.60 -4.54 8.40
C GLN B 15 -6.65 -5.04 9.84
C01 TLQ C . -4.03 2.65 3.87
C02 TLQ C . -5.26 2.62 4.78
C03 TLQ C . -5.24 3.31 5.99
C04 TLQ C . -6.36 3.29 6.81
C05 TLQ C . -7.51 2.59 6.43
C07 TLQ C . -9.84 3.22 7.20
C08 TLQ C . -10.34 4.09 6.04
C09 TLQ C . -9.47 4.74 5.18
C10 TLQ C . -9.97 5.52 4.15
C11 TLQ C . -11.34 5.69 3.99
C12 TLQ C . -12.21 5.05 4.87
C13 TLQ C . -11.72 4.26 5.88
C15 TLQ C . -9.85 2.17 9.10
C16 TLQ C . -8.64 1.96 8.49
C17 TLQ C . -7.53 1.89 5.19
C18 TLQ C . -6.43 1.90 4.37
C19 TLQ C . -6.44 1.20 3.12
C20 TLQ C . -7.59 0.50 2.73
C21 TLQ C . -8.72 0.48 3.57
C22 TLQ C . -8.70 1.17 4.79
N06 TLQ C . -8.64 2.60 7.33
N14 TLQ C . -10.56 2.93 8.30
CA CA D . -23.31 -0.66 -17.60
CA CA E . -12.92 13.89 -9.78
CL CL F . -18.21 -14.80 -12.29
NA NA G . 16.18 -19.92 4.45
#